data_6GNS
#
_entry.id   6GNS
#
_cell.length_a   48.426
_cell.length_b   90.437
_cell.length_c   52.982
_cell.angle_alpha   90.000
_cell.angle_beta   114.760
_cell.angle_gamma   90.000
#
_symmetry.space_group_name_H-M   'P 1 21 1'
#
loop_
_entity.id
_entity.type
_entity.pdbx_description
1 polymer 'Glycylpeptide N-tetradecanoyltransferase'
2 non-polymer TETRADECANOYL-COA
3 non-polymer 'methyl 4-(azepan-1-yl)-3-[[4-[4-(1-methylpiperidin-4-yl)butyl]phenyl]sulfonylamino]benzoate'
4 water water
#
_entity_poly.entity_id   1
_entity_poly.type   'polypeptide(L)'
_entity_poly.pdbx_seq_one_letter_code
;AHAFWSTQPVPQTEDETEKIVFAGPMDEPKTVADIPEEPYPIASTFEWWTPNMEAADDIHAIYELLRDNYVEDDDSMFRF
NYSEEFLQWALCPPNYIPDWHVAVRRKADKKLLAFIAGVPVTLRMGTPKYMKVKAQEKGEGEEAAKYDEPRHICEINFLC
VHKQLREKRLAPILIKEATRRVNRTNVWQAVYTAGVLLPTPYASGQYFHRSLNPEKLVEIRFSGIPAQYQKFQNPMAMLK
RNYQLPSAPKNSGLREMKPSDVPQVRRILMNYLDSFDVGPVFSDAEISHYLLPRDGVVFTYVVENDKKVTDFFSFYRIPS
TVIGNSNYNLLNAAYVHYYAATSIPLHQLILDLLIVAHSRGFDVCNMVEILDNRSFVEQLKFGAGDGHLRYYFYNWAYPK
IKPSQVALVML
;
_entity_poly.pdbx_strand_id   A
#
# COMPACT_ATOMS: atom_id res chain seq x y z
N ALA A 1 -5.12 18.08 20.08
CA ALA A 1 -5.70 18.97 19.02
C ALA A 1 -4.89 18.85 17.71
N HIS A 2 -5.46 19.35 16.63
CA HIS A 2 -4.97 19.10 15.29
C HIS A 2 -5.13 20.38 14.49
N ALA A 3 -4.12 21.24 14.58
CA ALA A 3 -4.13 22.54 13.92
C ALA A 3 -4.40 22.45 12.43
N PHE A 4 -3.93 21.38 11.78
CA PHE A 4 -4.18 21.18 10.33
C PHE A 4 -5.42 20.32 10.06
N TRP A 5 -5.49 19.10 10.63
CA TRP A 5 -6.55 18.12 10.30
C TRP A 5 -7.88 18.58 10.70
N SER A 6 -7.95 19.41 11.75
CA SER A 6 -9.23 20.04 12.11
C SER A 6 -9.85 20.98 11.04
N THR A 7 -9.05 21.48 10.12
CA THR A 7 -9.52 22.36 9.03
C THR A 7 -9.94 21.61 7.76
N GLN A 8 -9.75 20.31 7.73
CA GLN A 8 -9.92 19.47 6.51
C GLN A 8 -11.19 18.68 6.51
N PRO A 9 -11.70 18.29 5.32
CA PRO A 9 -12.98 17.53 5.18
C PRO A 9 -12.80 16.02 5.42
N VAL A 10 -12.51 15.69 6.66
CA VAL A 10 -12.36 14.32 7.15
C VAL A 10 -13.16 14.18 8.47
N PRO A 11 -13.61 12.98 8.80
CA PRO A 11 -14.24 12.75 10.12
C PRO A 11 -13.26 13.06 11.25
N GLN A 12 -13.73 13.78 12.24
CA GLN A 12 -12.84 14.33 13.22
C GLN A 12 -12.61 13.43 14.47
N THR A 13 -13.54 12.52 14.76
CA THR A 13 -13.33 11.63 15.88
C THR A 13 -13.81 10.24 15.53
N GLU A 14 -13.34 9.24 16.26
CA GLU A 14 -13.89 7.88 16.20
C GLU A 14 -15.38 7.88 16.39
N ASP A 15 -15.85 8.73 17.30
CA ASP A 15 -17.27 8.85 17.57
C ASP A 15 -18.02 9.31 16.31
N GLU A 16 -17.52 10.36 15.66
CA GLU A 16 -18.09 10.83 14.38
C GLU A 16 -18.21 9.64 13.40
N THR A 17 -17.14 8.86 13.32
CA THR A 17 -17.06 7.74 12.39
C THR A 17 -17.98 6.58 12.74
N GLU A 18 -18.16 6.35 14.03
CA GLU A 18 -19.13 5.38 14.53
C GLU A 18 -20.59 5.68 14.08
N LYS A 19 -20.88 6.94 13.82
CA LYS A 19 -22.20 7.40 13.47
C LYS A 19 -22.48 7.31 11.94
N ILE A 20 -21.43 7.24 11.11
CA ILE A 20 -21.64 7.36 9.65
C ILE A 20 -22.38 6.15 9.16
N VAL A 21 -23.45 6.36 8.40
CA VAL A 21 -24.27 5.26 7.91
C VAL A 21 -24.21 5.13 6.34
N PHE A 22 -23.85 6.20 5.60
CA PHE A 22 -23.80 6.12 4.14
C PHE A 22 -22.48 6.65 3.60
N ALA A 23 -21.97 6.09 2.51
CA ALA A 23 -20.82 6.69 1.83
C ALA A 23 -21.23 7.97 1.14
N GLY A 24 -20.33 8.95 1.08
CA GLY A 24 -20.52 10.13 0.29
C GLY A 24 -19.59 11.26 0.68
N PRO A 25 -19.66 12.38 -0.03
CA PRO A 25 -18.65 13.42 0.25
C PRO A 25 -18.87 14.15 1.60
N MET A 26 -17.81 14.69 2.22
CA MET A 26 -17.94 15.56 3.41
C MET A 26 -18.17 17.03 3.05
N ASP A 27 -17.49 17.53 2.01
CA ASP A 27 -17.47 18.97 1.64
C ASP A 27 -18.65 19.34 0.76
N GLU A 28 -18.90 20.65 0.76
CA GLU A 28 -19.59 21.40 -0.28
C GLU A 28 -19.20 20.95 -1.63
N PRO A 29 -20.18 20.73 -2.53
CA PRO A 29 -19.75 20.52 -3.89
C PRO A 29 -19.04 21.78 -4.41
N LYS A 30 -17.89 21.60 -5.04
CA LYS A 30 -17.14 22.66 -5.63
C LYS A 30 -16.86 22.34 -7.07
N THR A 31 -16.36 23.34 -7.77
CA THR A 31 -16.08 23.23 -9.17
C THR A 31 -14.62 23.55 -9.39
N VAL A 32 -14.05 22.99 -10.47
CA VAL A 32 -12.69 23.32 -10.80
C VAL A 32 -12.44 24.83 -10.83
N ALA A 33 -13.39 25.58 -11.39
CA ALA A 33 -13.26 27.06 -11.52
C ALA A 33 -13.07 27.79 -10.16
N ASP A 34 -13.53 27.17 -9.05
CA ASP A 34 -13.38 27.75 -7.70
C ASP A 34 -11.96 27.63 -7.19
N ILE A 35 -11.16 26.74 -7.79
CA ILE A 35 -9.86 26.35 -7.22
C ILE A 35 -8.76 27.24 -7.70
N PRO A 36 -7.90 27.74 -6.80
CA PRO A 36 -6.86 28.63 -7.22
C PRO A 36 -5.97 28.06 -8.33
N GLU A 37 -5.81 28.87 -9.37
CA GLU A 37 -4.94 28.65 -10.51
C GLU A 37 -3.45 28.54 -10.13
N GLU A 38 -3.01 29.29 -9.14
CA GLU A 38 -1.59 29.36 -8.79
C GLU A 38 -1.23 28.51 -7.59
N PRO A 39 0.00 27.98 -7.59
CA PRO A 39 0.43 27.12 -6.52
C PRO A 39 0.25 27.78 -5.16
N TYR A 40 0.10 26.96 -4.15
CA TYR A 40 -0.05 27.40 -2.80
C TYR A 40 1.25 28.15 -2.43
N PRO A 41 1.14 29.29 -1.71
CA PRO A 41 2.31 30.06 -1.33
C PRO A 41 3.24 29.24 -0.46
N ILE A 42 4.55 29.42 -0.64
CA ILE A 42 5.52 28.82 0.30
C ILE A 42 6.60 29.91 0.46
N ALA A 43 7.43 29.79 1.48
CA ALA A 43 8.42 30.83 1.73
C ALA A 43 9.40 30.94 0.60
N SER A 44 9.97 32.15 0.49
CA SER A 44 10.81 32.59 -0.64
C SER A 44 12.06 31.78 -0.82
N THR A 45 12.51 31.06 0.22
CA THR A 45 13.72 30.26 0.13
C THR A 45 13.46 28.88 -0.51
N PHE A 46 12.17 28.55 -0.66
CA PHE A 46 11.74 27.25 -1.24
C PHE A 46 11.07 27.45 -2.57
N GLU A 47 11.04 26.40 -3.40
CA GLU A 47 10.29 26.44 -4.63
C GLU A 47 9.62 25.07 -4.86
N TRP A 48 8.45 25.10 -5.48
CA TRP A 48 7.79 23.91 -5.98
C TRP A 48 8.57 23.32 -7.18
N TRP A 49 8.63 22.00 -7.23
CA TRP A 49 9.31 21.29 -8.29
C TRP A 49 8.43 20.07 -8.63
N THR A 50 8.21 19.87 -9.92
CA THR A 50 7.53 18.71 -10.42
C THR A 50 8.56 17.79 -11.07
N PRO A 51 8.99 16.76 -10.33
CA PRO A 51 10.00 15.89 -10.92
C PRO A 51 9.34 15.08 -12.06
N ASN A 52 10.10 14.70 -13.05
CA ASN A 52 9.69 13.73 -14.05
C ASN A 52 10.03 12.32 -13.62
N MET A 53 9.00 11.59 -13.20
CA MET A 53 9.16 10.24 -12.71
C MET A 53 9.49 9.19 -13.71
N GLU A 54 9.59 9.58 -14.97
CA GLU A 54 10.07 8.70 -15.99
C GLU A 54 11.52 8.97 -16.34
N ALA A 55 12.07 10.03 -15.77
CA ALA A 55 13.46 10.47 -16.02
C ALA A 55 14.38 9.92 -14.91
N ALA A 56 15.37 9.15 -15.29
CA ALA A 56 16.23 8.46 -14.32
C ALA A 56 16.87 9.33 -13.26
N ASP A 57 17.23 10.57 -13.61
CA ASP A 57 17.91 11.48 -12.69
C ASP A 57 16.97 12.08 -11.64
N ASP A 58 15.76 12.38 -12.09
CA ASP A 58 14.72 12.88 -11.19
C ASP A 58 14.26 11.75 -10.24
N ILE A 59 14.12 10.55 -10.77
CA ILE A 59 13.77 9.33 -9.97
C ILE A 59 14.84 9.19 -8.93
N HIS A 60 16.11 9.27 -9.35
CA HIS A 60 17.22 9.13 -8.42
C HIS A 60 17.17 10.16 -7.28
N ALA A 61 16.85 11.42 -7.59
CA ALA A 61 16.74 12.43 -6.55
C ALA A 61 15.66 12.10 -5.49
N ILE A 62 14.46 11.69 -5.93
CA ILE A 62 13.39 11.29 -5.06
C ILE A 62 13.85 10.06 -4.27
N TYR A 63 14.50 9.11 -4.96
CA TYR A 63 15.00 7.90 -4.34
C TYR A 63 15.89 8.19 -3.13
N GLU A 64 16.82 9.12 -3.30
CA GLU A 64 17.71 9.45 -2.20
C GLU A 64 16.98 10.08 -1.08
N LEU A 65 16.04 10.95 -1.37
CA LEU A 65 15.30 11.56 -0.31
C LEU A 65 14.61 10.50 0.54
N LEU A 66 13.94 9.58 -0.10
CA LEU A 66 13.18 8.58 0.63
C LEU A 66 14.08 7.61 1.33
N ARG A 67 15.16 7.25 0.70
CA ARG A 67 16.14 6.32 1.30
C ARG A 67 16.59 6.86 2.65
N ASP A 68 16.87 8.16 2.72
CA ASP A 68 17.37 8.74 3.96
C ASP A 68 16.31 9.26 4.95
N ASN A 69 15.11 9.47 4.49
CA ASN A 69 14.12 10.19 5.30
C ASN A 69 12.73 9.58 5.36
N TYR A 70 12.51 8.44 4.68
CA TYR A 70 11.15 7.96 4.65
C TYR A 70 10.80 7.13 5.94
N VAL A 71 9.74 6.34 5.85
CA VAL A 71 9.13 5.65 7.02
C VAL A 71 10.09 4.71 7.73
N GLU A 72 10.19 4.90 9.04
CA GLU A 72 10.92 4.00 9.91
C GLU A 72 9.94 3.25 10.80
N ASP A 73 10.33 2.06 11.26
CA ASP A 73 9.46 1.40 12.22
C ASP A 73 9.51 2.10 13.59
N ASP A 74 8.62 1.78 14.51
CA ASP A 74 8.57 2.51 15.82
C ASP A 74 9.91 2.52 16.56
N ASP A 75 10.71 1.46 16.44
CA ASP A 75 11.99 1.34 17.16
C ASP A 75 13.19 1.79 16.36
N SER A 76 12.93 2.27 15.16
CA SER A 76 13.98 2.72 14.26
C SER A 76 15.04 1.64 14.01
N MET A 77 14.59 0.42 13.82
CA MET A 77 15.45 -0.69 13.42
C MET A 77 15.55 -0.72 11.86
N PHE A 78 14.49 -0.26 11.20
CA PHE A 78 14.33 -0.35 9.71
C PHE A 78 13.81 0.91 9.08
N ARG A 79 14.24 1.20 7.86
CA ARG A 79 13.66 2.30 7.13
C ARG A 79 13.44 1.79 5.72
N PHE A 80 12.26 2.02 5.16
CA PHE A 80 12.03 1.53 3.76
C PHE A 80 13.09 2.08 2.83
N ASN A 81 13.49 1.31 1.85
CA ASN A 81 14.41 1.74 0.85
C ASN A 81 13.87 1.38 -0.53
N TYR A 82 12.77 2.00 -0.91
CA TYR A 82 12.15 1.74 -2.20
C TYR A 82 13.16 1.95 -3.31
N SER A 83 13.21 1.02 -4.25
CA SER A 83 14.17 1.16 -5.36
C SER A 83 13.72 2.17 -6.35
N GLU A 84 14.68 2.68 -7.11
CA GLU A 84 14.37 3.55 -8.26
C GLU A 84 13.34 2.93 -9.23
N GLU A 85 13.56 1.68 -9.57
CA GLU A 85 12.68 0.96 -10.50
C GLU A 85 11.30 0.85 -9.89
N PHE A 86 11.25 0.63 -8.59
CA PHE A 86 9.95 0.54 -7.91
C PHE A 86 9.25 1.88 -7.97
N LEU A 87 10.00 2.94 -7.77
CA LEU A 87 9.37 4.26 -7.78
C LEU A 87 8.72 4.60 -9.12
N GLN A 88 9.44 4.33 -10.21
CA GLN A 88 8.94 4.54 -11.54
C GLN A 88 7.67 3.71 -11.75
N TRP A 89 7.69 2.45 -11.33
CA TRP A 89 6.50 1.57 -11.43
C TRP A 89 5.31 2.09 -10.63
N ALA A 90 5.54 2.47 -9.38
CA ALA A 90 4.45 2.87 -8.53
C ALA A 90 3.85 4.22 -8.89
N LEU A 91 4.62 5.10 -9.48
CA LEU A 91 4.19 6.48 -9.64
C LEU A 91 3.73 6.78 -11.04
N CYS A 92 4.02 5.90 -11.98
CA CYS A 92 3.60 6.08 -13.38
C CYS A 92 2.70 4.98 -13.96
N PRO A 93 1.61 4.66 -13.31
CA PRO A 93 0.69 3.74 -13.97
C PRO A 93 0.00 4.36 -15.23
N PRO A 94 -0.74 3.54 -15.98
CA PRO A 94 -1.46 4.08 -17.11
C PRO A 94 -2.33 5.28 -16.73
N ASN A 95 -2.29 6.30 -17.59
CA ASN A 95 -3.00 7.55 -17.36
C ASN A 95 -2.58 8.35 -16.12
N TYR A 96 -1.38 8.14 -15.61
CA TYR A 96 -0.88 8.92 -14.44
C TYR A 96 -0.76 10.42 -14.84
N ILE A 97 -0.75 11.25 -13.82
CA ILE A 97 -0.84 12.71 -13.98
C ILE A 97 0.51 13.20 -13.46
N PRO A 98 1.38 13.69 -14.34
CA PRO A 98 2.69 14.10 -13.88
C PRO A 98 2.61 15.25 -12.87
N ASP A 99 1.60 16.10 -12.99
CA ASP A 99 1.43 17.24 -12.08
C ASP A 99 1.15 16.78 -10.62
N TRP A 100 0.71 15.54 -10.46
CA TRP A 100 0.49 15.01 -9.11
C TRP A 100 1.73 14.55 -8.33
N HIS A 101 2.94 14.63 -8.92
CA HIS A 101 4.16 14.30 -8.23
C HIS A 101 4.77 15.63 -7.79
N VAL A 102 4.69 15.92 -6.48
CA VAL A 102 4.97 17.30 -6.02
C VAL A 102 6.18 17.25 -5.14
N ALA A 103 7.14 18.15 -5.35
CA ALA A 103 8.28 18.22 -4.52
C ALA A 103 8.57 19.69 -4.14
N VAL A 104 9.39 19.83 -3.14
CA VAL A 104 9.91 21.12 -2.70
C VAL A 104 11.39 21.02 -2.69
N ARG A 105 12.02 22.05 -3.25
CA ARG A 105 13.45 22.20 -3.15
C ARG A 105 13.82 23.55 -2.60
N ARG A 106 15.02 23.60 -2.08
CA ARG A 106 15.61 24.86 -1.66
C ARG A 106 16.01 25.62 -2.89
N LYS A 107 15.52 26.85 -2.99
CA LYS A 107 15.69 27.67 -4.17
C LYS A 107 17.21 27.91 -4.46
N ALA A 108 17.96 28.24 -3.44
CA ALA A 108 19.34 28.67 -3.61
C ALA A 108 20.27 27.61 -4.22
N ASP A 109 20.11 26.35 -3.81
CA ASP A 109 21.02 25.29 -4.28
C ASP A 109 20.28 24.02 -4.73
N LYS A 110 18.99 24.13 -4.99
CA LYS A 110 18.18 23.02 -5.43
C LYS A 110 18.20 21.76 -4.53
N LYS A 111 18.51 21.89 -3.25
CA LYS A 111 18.47 20.72 -2.35
C LYS A 111 16.99 20.24 -2.21
N LEU A 112 16.76 18.96 -2.43
CA LEU A 112 15.42 18.42 -2.40
C LEU A 112 15.02 18.22 -0.94
N LEU A 113 13.87 18.74 -0.54
CA LEU A 113 13.47 18.81 0.89
C LEU A 113 12.19 18.06 1.27
N ALA A 114 11.33 17.84 0.29
CA ALA A 114 10.03 17.26 0.57
C ALA A 114 9.42 16.70 -0.71
N PHE A 115 8.54 15.74 -0.52
CA PHE A 115 7.84 15.07 -1.62
C PHE A 115 6.47 14.57 -1.19
N ILE A 116 5.54 14.50 -2.14
CA ILE A 116 4.30 13.77 -1.99
C ILE A 116 3.83 13.39 -3.39
N ALA A 117 3.14 12.28 -3.54
CA ALA A 117 2.72 11.84 -4.84
C ALA A 117 1.30 11.33 -4.82
N GLY A 118 0.59 11.61 -5.90
CA GLY A 118 -0.72 11.06 -6.14
C GLY A 118 -0.72 10.31 -7.43
N VAL A 119 -1.48 9.23 -7.47
CA VAL A 119 -1.73 8.53 -8.69
C VAL A 119 -3.22 8.26 -8.85
N PRO A 120 -3.72 8.17 -10.08
CA PRO A 120 -5.15 7.86 -10.23
C PRO A 120 -5.45 6.42 -9.80
N VAL A 121 -6.61 6.18 -9.18
CA VAL A 121 -7.11 4.84 -8.98
C VAL A 121 -8.61 4.92 -9.18
N THR A 122 -9.18 3.86 -9.72
CA THR A 122 -10.61 3.76 -9.80
C THR A 122 -11.06 2.84 -8.65
N LEU A 123 -11.85 3.35 -7.73
CA LEU A 123 -12.17 2.58 -6.54
C LEU A 123 -13.65 2.40 -6.36
N ARG A 124 -14.11 1.21 -5.97
CA ARG A 124 -15.42 1.04 -5.37
C ARG A 124 -15.33 1.53 -3.95
N MET A 125 -16.18 2.50 -3.59
CA MET A 125 -16.19 3.06 -2.29
C MET A 125 -17.60 3.50 -1.84
N GLY A 126 -18.59 2.72 -2.32
CA GLY A 126 -19.96 2.87 -1.91
C GLY A 126 -20.18 2.33 -0.56
N THR A 127 -21.35 2.60 -0.01
CA THR A 127 -21.78 2.05 1.25
C THR A 127 -21.52 0.56 1.43
N PRO A 128 -20.89 0.19 2.55
CA PRO A 128 -20.52 -1.19 2.73
C PRO A 128 -21.72 -2.11 2.94
N LYS A 129 -21.51 -3.39 2.70
CA LYS A 129 -22.59 -4.37 2.73
C LYS A 129 -23.42 -4.31 4.03
N TYR A 130 -22.78 -4.24 5.17
CA TYR A 130 -23.51 -4.32 6.44
C TYR A 130 -24.39 -3.10 6.65
N MET A 131 -23.95 -1.97 6.11
CA MET A 131 -24.70 -0.72 6.23
C MET A 131 -25.82 -0.65 5.21
N LYS A 132 -25.67 -1.31 4.08
CA LYS A 132 -26.73 -1.42 3.14
C LYS A 132 -27.88 -2.29 3.67
N VAL A 133 -27.60 -3.31 4.49
CA VAL A 133 -28.65 -4.16 5.06
C VAL A 133 -29.49 -3.32 5.99
N LYS A 134 -28.81 -2.51 6.80
CA LYS A 134 -29.43 -1.57 7.72
C LYS A 134 -30.31 -0.58 6.94
N ALA A 135 -29.76 -0.02 5.86
CA ALA A 135 -30.50 0.97 5.05
C ALA A 135 -31.76 0.40 4.43
N GLN A 136 -31.66 -0.81 3.93
CA GLN A 136 -32.81 -1.53 3.41
C GLN A 136 -33.90 -1.78 4.46
N GLU A 137 -33.52 -2.16 5.65
CA GLU A 137 -34.49 -2.34 6.78
C GLU A 137 -35.28 -1.03 7.00
N LYS A 138 -34.56 0.10 7.04
CA LYS A 138 -35.09 1.43 7.29
C LYS A 138 -35.71 2.16 6.11
N GLY A 139 -35.76 1.52 4.95
CA GLY A 139 -36.31 2.14 3.72
C GLY A 139 -35.46 3.24 3.13
N GLU A 140 -34.13 3.12 3.34
CA GLU A 140 -33.15 4.10 2.82
C GLU A 140 -32.15 3.52 1.84
N GLY A 141 -32.58 2.51 1.10
CA GLY A 141 -31.72 1.80 0.13
C GLY A 141 -31.19 2.70 -0.93
N GLU A 142 -31.98 3.69 -1.37
CA GLU A 142 -31.55 4.50 -2.50
C GLU A 142 -30.42 5.44 -2.06
N GLU A 143 -30.59 6.05 -0.92
CA GLU A 143 -29.56 6.89 -0.37
C GLU A 143 -28.25 6.09 -0.12
N ALA A 144 -28.36 4.82 0.29
CA ALA A 144 -27.17 4.00 0.55
C ALA A 144 -26.43 3.61 -0.68
N ALA A 145 -27.12 3.56 -1.81
CA ALA A 145 -26.53 3.06 -3.08
C ALA A 145 -26.06 4.19 -4.03
N LYS A 146 -26.28 5.46 -3.68
CA LYS A 146 -26.06 6.62 -4.56
C LYS A 146 -24.63 6.66 -5.16
N TYR A 147 -23.64 6.23 -4.39
CA TYR A 147 -22.22 6.35 -4.78
C TYR A 147 -21.58 4.98 -4.97
N ASP A 148 -22.39 4.00 -5.38
CA ASP A 148 -21.92 2.66 -5.63
C ASP A 148 -21.04 2.54 -6.88
N GLU A 149 -21.16 3.44 -7.84
CA GLU A 149 -20.36 3.24 -9.06
C GLU A 149 -18.90 3.51 -8.78
N PRO A 150 -17.99 2.70 -9.36
CA PRO A 150 -16.54 2.98 -9.16
C PRO A 150 -16.17 4.39 -9.49
N ARG A 151 -15.31 5.00 -8.68
CA ARG A 151 -14.99 6.43 -8.76
C ARG A 151 -13.51 6.60 -9.09
N HIS A 152 -13.26 7.55 -9.97
CA HIS A 152 -11.93 7.92 -10.37
C HIS A 152 -11.42 8.93 -9.34
N ILE A 153 -10.47 8.52 -8.49
CA ILE A 153 -10.03 9.33 -7.40
C ILE A 153 -8.50 9.30 -7.41
N CYS A 154 -7.87 9.82 -6.36
CA CYS A 154 -6.43 9.94 -6.21
C CYS A 154 -6.05 8.98 -5.08
N GLU A 155 -4.90 8.32 -5.23
CA GLU A 155 -4.24 7.57 -4.19
C GLU A 155 -2.96 8.35 -3.86
N ILE A 156 -2.79 8.75 -2.61
CA ILE A 156 -1.62 9.53 -2.14
C ILE A 156 -0.64 8.64 -1.42
N ASN A 157 0.64 8.84 -1.70
CA ASN A 157 1.70 8.02 -1.09
C ASN A 157 2.99 8.83 -1.07
N PHE A 158 3.99 8.31 -0.38
CA PHE A 158 5.34 8.81 -0.42
C PHE A 158 5.47 10.26 0.14
N LEU A 159 4.58 10.64 1.03
CA LEU A 159 4.77 11.93 1.72
C LEU A 159 6.07 11.82 2.54
N CYS A 160 6.97 12.73 2.30
CA CYS A 160 8.23 12.71 3.01
C CYS A 160 8.79 14.13 3.14
N VAL A 161 9.20 14.45 4.36
CA VAL A 161 9.88 15.72 4.63
C VAL A 161 11.22 15.36 5.20
N HIS A 162 12.26 15.91 4.61
CA HIS A 162 13.65 15.73 5.09
C HIS A 162 13.75 15.93 6.61
N LYS A 163 14.51 15.04 7.26
CA LYS A 163 14.73 15.06 8.71
C LYS A 163 15.13 16.42 9.25
N GLN A 164 15.90 17.18 8.49
CA GLN A 164 16.36 18.54 8.91
C GLN A 164 15.23 19.54 9.00
N LEU A 165 14.07 19.24 8.39
CA LEU A 165 12.94 20.17 8.32
C LEU A 165 11.65 19.69 9.00
N ARG A 166 11.79 18.70 9.86
CA ARG A 166 10.66 18.13 10.57
C ARG A 166 10.12 19.08 11.61
N GLU A 167 8.80 18.98 11.80
CA GLU A 167 8.02 19.69 12.80
C GLU A 167 8.09 21.21 12.59
N LYS A 168 8.14 21.64 11.32
CA LYS A 168 8.08 23.05 10.92
C LYS A 168 6.81 23.38 10.08
N ARG A 169 5.87 22.45 10.05
CA ARG A 169 4.60 22.61 9.39
C ARG A 169 4.70 22.59 7.86
N LEU A 170 5.74 21.94 7.35
CA LEU A 170 5.90 21.73 5.94
C LEU A 170 4.91 20.69 5.35
N ALA A 171 4.60 19.62 6.10
CA ALA A 171 3.70 18.58 5.60
C ALA A 171 2.31 19.14 5.26
N PRO A 172 1.72 20.01 6.12
CA PRO A 172 0.41 20.56 5.76
C PRO A 172 0.48 21.36 4.43
N ILE A 173 1.60 22.07 4.17
CA ILE A 173 1.74 22.82 2.91
C ILE A 173 1.76 21.83 1.71
N LEU A 174 2.52 20.75 1.84
CA LEU A 174 2.52 19.71 0.81
C LEU A 174 1.14 19.10 0.54
N ILE A 175 0.39 18.82 1.59
CA ILE A 175 -0.88 18.27 1.46
C ILE A 175 -1.85 19.27 0.79
N LYS A 176 -1.80 20.54 1.18
CA LYS A 176 -2.73 21.53 0.56
C LYS A 176 -2.37 21.70 -0.93
N GLU A 177 -1.10 21.66 -1.27
CA GLU A 177 -0.72 21.84 -2.69
C GLU A 177 -1.12 20.61 -3.48
N ALA A 178 -0.92 19.43 -2.92
CA ALA A 178 -1.43 18.19 -3.57
C ALA A 178 -2.94 18.23 -3.76
N THR A 179 -3.67 18.67 -2.76
CA THR A 179 -5.10 18.75 -2.84
C THR A 179 -5.50 19.67 -4.01
N ARG A 180 -4.86 20.82 -4.07
CA ARG A 180 -5.18 21.81 -5.13
C ARG A 180 -4.95 21.22 -6.57
N ARG A 181 -3.81 20.58 -6.77
CA ARG A 181 -3.48 19.97 -8.06
C ARG A 181 -4.45 18.87 -8.45
N VAL A 182 -4.93 18.10 -7.48
CA VAL A 182 -5.91 17.07 -7.73
C VAL A 182 -7.27 17.66 -8.03
N ASN A 183 -7.72 18.62 -7.21
CA ASN A 183 -8.99 19.30 -7.43
C ASN A 183 -9.05 19.98 -8.81
N ARG A 184 -7.94 20.56 -9.22
CA ARG A 184 -7.86 21.24 -10.53
C ARG A 184 -8.09 20.26 -11.69
N THR A 185 -7.98 18.96 -11.41
CA THR A 185 -8.33 17.90 -12.37
C THR A 185 -9.76 17.38 -12.17
N ASN A 186 -10.59 18.08 -11.38
CA ASN A 186 -11.96 17.66 -11.10
C ASN A 186 -12.03 16.32 -10.34
N VAL A 187 -11.03 16.09 -9.51
CA VAL A 187 -11.10 14.98 -8.54
C VAL A 187 -11.15 15.53 -7.12
N TRP A 188 -12.04 14.97 -6.28
CA TRP A 188 -12.43 15.56 -4.99
C TRP A 188 -12.25 14.61 -3.81
N GLN A 189 -11.94 13.35 -4.06
CA GLN A 189 -11.62 12.37 -3.05
C GLN A 189 -10.21 11.84 -3.24
N ALA A 190 -9.63 11.36 -2.14
CA ALA A 190 -8.39 10.63 -2.17
C ALA A 190 -8.48 9.47 -1.16
N VAL A 191 -7.68 8.47 -1.40
CA VAL A 191 -7.49 7.39 -0.47
C VAL A 191 -6.03 7.39 -0.09
N TYR A 192 -5.73 7.11 1.17
CA TYR A 192 -4.34 7.11 1.66
C TYR A 192 -4.26 6.19 2.86
N THR A 193 -3.07 5.65 3.05
CA THR A 193 -2.78 4.81 4.24
C THR A 193 -1.59 5.38 5.00
N ALA A 194 -1.52 5.05 6.29
CA ALA A 194 -0.41 5.44 7.10
C ALA A 194 -0.29 4.43 8.26
N GLY A 195 0.91 4.35 8.84
CA GLY A 195 1.07 3.56 10.03
C GLY A 195 0.76 4.33 11.29
N VAL A 196 0.46 5.62 11.16
CA VAL A 196 0.10 6.44 12.29
C VAL A 196 -1.40 6.68 12.33
N LEU A 197 -1.86 6.95 13.54
CA LEU A 197 -3.26 7.26 13.75
C LEU A 197 -3.51 8.77 13.58
N LEU A 198 -4.34 9.11 12.59
CA LEU A 198 -4.73 10.46 12.26
C LEU A 198 -6.25 10.50 12.27
N PRO A 199 -6.88 11.68 12.12
CA PRO A 199 -8.34 11.69 12.00
C PRO A 199 -8.80 11.35 10.58
N THR A 200 -9.60 10.30 10.37
CA THR A 200 -9.93 9.24 11.27
C THR A 200 -10.03 8.00 10.32
N PRO A 201 -9.42 6.87 10.67
CA PRO A 201 -9.41 5.79 9.64
C PRO A 201 -10.76 5.12 9.49
N TYR A 202 -11.07 4.62 8.28
CA TYR A 202 -12.24 3.75 8.14
C TYR A 202 -11.94 2.23 8.37
N ALA A 203 -10.67 1.87 8.36
CA ALA A 203 -10.25 0.50 8.67
C ALA A 203 -8.79 0.51 9.10
N SER A 204 -8.41 -0.50 9.84
CA SER A 204 -7.09 -0.63 10.39
C SER A 204 -6.78 -2.12 10.54
N GLY A 205 -5.56 -2.48 10.14
CA GLY A 205 -5.13 -3.88 10.18
C GLY A 205 -3.67 -3.99 10.63
N GLN A 206 -3.36 -5.11 11.27
CA GLN A 206 -2.00 -5.41 11.65
C GLN A 206 -1.19 -5.86 10.48
N TYR A 207 0.12 -5.62 10.59
CA TYR A 207 1.07 -6.25 9.75
C TYR A 207 1.40 -7.64 10.28
N PHE A 208 1.69 -8.56 9.39
CA PHE A 208 2.12 -9.91 9.69
C PHE A 208 3.32 -10.19 8.85
N HIS A 209 4.25 -10.97 9.39
CA HIS A 209 5.42 -11.36 8.67
C HIS A 209 5.76 -12.85 8.78
N ARG A 210 6.48 -13.35 7.80
CA ARG A 210 6.89 -14.74 7.76
C ARG A 210 8.35 -14.83 7.38
N SER A 211 9.16 -15.30 8.32
CA SER A 211 10.58 -15.42 8.12
C SER A 211 10.89 -16.43 6.99
N LEU A 212 11.78 -16.04 6.09
CA LEU A 212 12.20 -16.88 5.03
C LEU A 212 13.68 -17.31 5.28
N ASN A 213 14.43 -16.48 5.97
CA ASN A 213 15.89 -16.64 6.21
C ASN A 213 16.15 -16.31 7.68
N PRO A 214 15.83 -17.27 8.58
CA PRO A 214 15.95 -17.10 10.02
C PRO A 214 17.35 -16.71 10.48
N GLU A 215 18.39 -17.28 9.88
CA GLU A 215 19.78 -16.96 10.30
C GLU A 215 20.00 -15.43 10.26
N LYS A 216 19.55 -14.78 9.19
CA LYS A 216 19.69 -13.32 9.05
C LYS A 216 18.77 -12.55 9.92
N LEU A 217 17.52 -12.94 10.06
CA LEU A 217 16.63 -12.15 10.89
C LEU A 217 17.06 -12.14 12.35
N VAL A 218 17.56 -13.25 12.88
CA VAL A 218 17.87 -13.27 14.33
C VAL A 218 19.08 -12.43 14.59
N GLU A 219 19.96 -12.35 13.59
CA GLU A 219 21.10 -11.49 13.72
C GLU A 219 20.65 -10.03 13.90
N ILE A 220 19.69 -9.65 13.07
CA ILE A 220 19.15 -8.31 13.06
C ILE A 220 18.27 -7.99 14.27
N ARG A 221 17.26 -8.80 14.56
CA ARG A 221 16.29 -8.40 15.59
C ARG A 221 16.91 -8.24 16.99
N PHE A 222 17.75 -9.17 17.43
CA PHE A 222 18.56 -8.93 18.64
C PHE A 222 19.85 -9.76 18.59
N SER A 223 20.28 -10.27 19.75
CA SER A 223 21.46 -11.14 19.82
C SER A 223 20.99 -12.59 19.90
N GLY A 224 20.82 -13.11 21.12
CA GLY A 224 20.73 -14.56 21.34
C GLY A 224 19.41 -15.00 21.91
N ILE A 225 18.45 -15.23 21.02
CA ILE A 225 17.08 -15.57 21.43
C ILE A 225 16.33 -16.17 20.21
N PRO A 226 15.06 -15.80 19.92
CA PRO A 226 14.01 -15.07 20.66
C PRO A 226 13.45 -15.87 21.86
N ALA A 227 12.46 -15.30 22.53
CA ALA A 227 12.11 -15.67 23.91
C ALA A 227 11.63 -17.09 24.06
N GLN A 228 10.65 -17.45 23.24
CA GLN A 228 10.08 -18.79 23.31
C GLN A 228 11.02 -19.89 22.79
N TYR A 229 12.12 -19.55 22.12
CA TYR A 229 13.06 -20.58 21.68
C TYR A 229 14.20 -20.73 22.70
N GLN A 230 14.24 -19.81 23.67
CA GLN A 230 15.35 -19.69 24.63
C GLN A 230 15.89 -21.06 25.03
N LYS A 231 15.02 -21.97 25.49
CA LYS A 231 15.47 -23.28 26.00
C LYS A 231 15.66 -24.40 24.95
N PHE A 232 16.90 -24.89 24.83
CA PHE A 232 17.15 -26.12 24.10
C PHE A 232 18.47 -26.84 24.59
N GLN A 233 19.63 -26.75 23.93
CA GLN A 233 19.87 -26.26 22.57
C GLN A 233 19.63 -27.42 21.56
N ASN A 234 19.42 -27.12 20.25
CA ASN A 234 19.76 -25.84 19.65
C ASN A 234 18.52 -25.00 19.25
N PRO A 235 18.40 -23.80 19.83
CA PRO A 235 17.30 -22.93 19.40
C PRO A 235 17.39 -22.54 17.90
N MET A 236 18.60 -22.42 17.37
CA MET A 236 18.75 -21.99 15.98
C MET A 236 18.34 -23.07 15.01
N ALA A 237 18.69 -24.32 15.34
CA ALA A 237 18.26 -25.48 14.63
C ALA A 237 16.75 -25.59 14.64
N MET A 238 16.13 -25.40 15.80
CA MET A 238 14.67 -25.47 15.95
C MET A 238 14.03 -24.38 15.01
N LEU A 239 14.61 -23.18 15.01
CA LEU A 239 14.08 -22.03 14.28
C LEU A 239 14.16 -22.24 12.77
N LYS A 240 15.33 -22.69 12.29
CA LYS A 240 15.53 -23.03 10.89
C LYS A 240 14.54 -24.06 10.44
N ARG A 241 14.40 -25.10 11.23
CA ARG A 241 13.44 -26.15 10.98
C ARG A 241 11.97 -25.67 10.93
N ASN A 242 11.61 -24.73 11.78
CA ASN A 242 10.25 -24.20 11.82
C ASN A 242 9.92 -23.46 10.52
N TYR A 243 10.90 -22.74 9.98
CA TYR A 243 10.62 -21.85 8.86
C TYR A 243 11.02 -22.41 7.51
N GLN A 244 11.52 -23.65 7.49
CA GLN A 244 12.01 -24.26 6.26
C GLN A 244 10.90 -24.44 5.23
N LEU A 245 11.28 -24.36 3.97
CA LEU A 245 10.32 -24.37 2.87
C LEU A 245 10.83 -25.28 1.78
N PRO A 246 9.90 -25.88 0.98
CA PRO A 246 10.35 -26.65 -0.16
C PRO A 246 11.20 -25.76 -1.07
N SER A 247 12.06 -26.37 -1.86
CA SER A 247 12.97 -25.67 -2.73
C SER A 247 12.34 -25.49 -4.10
N ALA A 248 11.17 -26.09 -4.38
CA ALA A 248 10.49 -25.96 -5.67
C ALA A 248 9.04 -25.86 -5.45
N PRO A 249 8.34 -25.10 -6.28
CA PRO A 249 6.90 -24.98 -6.07
C PRO A 249 6.18 -26.33 -6.22
N LYS A 250 5.09 -26.48 -5.50
CA LYS A 250 4.32 -27.73 -5.46
C LYS A 250 3.25 -27.80 -6.54
N ASN A 251 2.69 -26.68 -6.92
CA ASN A 251 1.53 -26.70 -7.81
C ASN A 251 2.04 -26.92 -9.19
N SER A 252 1.74 -28.08 -9.75
CA SER A 252 1.85 -28.25 -11.17
C SER A 252 0.91 -27.21 -11.84
N GLY A 253 1.43 -26.61 -12.88
CA GLY A 253 0.68 -25.58 -13.55
C GLY A 253 1.34 -24.23 -13.25
N LEU A 254 2.22 -24.14 -12.27
CA LEU A 254 2.75 -22.79 -11.86
C LEU A 254 3.82 -22.30 -12.79
N ARG A 255 3.65 -21.07 -13.30
CA ARG A 255 4.66 -20.41 -14.12
C ARG A 255 4.47 -18.89 -14.03
N GLU A 256 5.48 -18.15 -14.45
CA GLU A 256 5.41 -16.68 -14.43
C GLU A 256 4.29 -16.22 -15.36
N MET A 257 3.68 -15.13 -15.00
CA MET A 257 2.61 -14.55 -15.78
C MET A 257 3.23 -13.94 -17.06
N LYS A 258 2.50 -14.03 -18.14
CA LYS A 258 2.92 -13.46 -19.45
C LYS A 258 1.79 -12.55 -19.95
N PRO A 259 2.09 -11.65 -20.90
CA PRO A 259 1.06 -10.69 -21.31
C PRO A 259 -0.28 -11.31 -21.80
N SER A 260 -0.21 -12.46 -22.44
CA SER A 260 -1.44 -13.11 -22.92
C SER A 260 -2.38 -13.54 -21.79
N ASP A 261 -1.86 -13.63 -20.55
CA ASP A 261 -2.67 -13.98 -19.39
C ASP A 261 -3.54 -12.80 -18.89
N VAL A 262 -3.30 -11.60 -19.38
CA VAL A 262 -3.90 -10.35 -18.84
C VAL A 262 -5.43 -10.44 -18.75
N PRO A 263 -6.11 -10.81 -19.86
CA PRO A 263 -7.58 -10.90 -19.83
C PRO A 263 -8.15 -11.87 -18.79
N GLN A 264 -7.56 -13.03 -18.63
CA GLN A 264 -8.01 -14.00 -17.65
C GLN A 264 -7.69 -13.60 -16.21
N VAL A 265 -6.53 -13.09 -15.97
CA VAL A 265 -6.15 -12.55 -14.63
C VAL A 265 -7.09 -11.43 -14.25
N ARG A 266 -7.38 -10.51 -15.16
CA ARG A 266 -8.32 -9.45 -14.89
C ARG A 266 -9.66 -10.02 -14.50
N ARG A 267 -10.15 -11.00 -15.25
CA ARG A 267 -11.47 -11.57 -14.93
C ARG A 267 -11.51 -12.26 -13.52
N ILE A 268 -10.55 -13.12 -13.20
CA ILE A 268 -10.55 -13.78 -11.94
C ILE A 268 -10.26 -12.84 -10.75
N LEU A 269 -9.41 -11.85 -10.97
CA LEU A 269 -9.15 -10.86 -9.91
C LEU A 269 -10.37 -10.04 -9.67
N MET A 270 -10.97 -9.51 -10.73
CA MET A 270 -12.13 -8.65 -10.54
C MET A 270 -13.30 -9.40 -9.90
N ASN A 271 -13.51 -10.68 -10.24
CA ASN A 271 -14.57 -11.48 -9.59
C ASN A 271 -14.33 -11.66 -8.10
N TYR A 272 -13.05 -11.83 -7.73
CA TYR A 272 -12.72 -12.05 -6.34
C TYR A 272 -12.84 -10.68 -5.59
N LEU A 273 -12.26 -9.63 -6.14
CA LEU A 273 -12.22 -8.33 -5.44
C LEU A 273 -13.62 -7.77 -5.25
N ASP A 274 -14.55 -8.17 -6.12
CA ASP A 274 -15.95 -7.77 -5.97
C ASP A 274 -16.60 -8.09 -4.64
N SER A 275 -16.10 -9.12 -3.98
CA SER A 275 -16.65 -9.53 -2.69
C SER A 275 -16.28 -8.63 -1.51
N PHE A 276 -15.41 -7.64 -1.73
CA PHE A 276 -14.94 -6.73 -0.69
C PHE A 276 -15.65 -5.37 -0.76
N ASP A 277 -15.84 -4.70 0.36
CA ASP A 277 -16.49 -3.40 0.38
C ASP A 277 -15.73 -2.27 -0.34
N VAL A 278 -14.42 -2.15 -0.14
CA VAL A 278 -13.59 -1.17 -0.75
C VAL A 278 -12.54 -1.91 -1.59
N GLY A 279 -12.46 -1.56 -2.87
CA GLY A 279 -11.54 -2.25 -3.72
C GLY A 279 -11.40 -1.64 -5.07
N PRO A 280 -10.23 -1.84 -5.68
CA PRO A 280 -9.96 -1.20 -6.94
C PRO A 280 -10.62 -1.91 -8.10
N VAL A 281 -10.77 -1.17 -9.20
CA VAL A 281 -11.21 -1.70 -10.47
C VAL A 281 -10.11 -1.42 -11.48
N PHE A 282 -9.59 -2.49 -12.09
CA PHE A 282 -8.44 -2.38 -12.95
C PHE A 282 -8.87 -2.70 -14.39
N SER A 283 -8.47 -1.83 -15.30
CA SER A 283 -8.60 -2.06 -16.72
C SER A 283 -7.55 -3.12 -17.15
N ASP A 284 -7.59 -3.58 -18.39
CA ASP A 284 -6.53 -4.44 -18.87
C ASP A 284 -5.12 -3.76 -18.79
N ALA A 285 -5.04 -2.46 -19.13
CA ALA A 285 -3.76 -1.73 -19.09
C ALA A 285 -3.24 -1.67 -17.63
N GLU A 286 -4.16 -1.51 -16.67
CA GLU A 286 -3.76 -1.45 -15.25
C GLU A 286 -3.34 -2.83 -14.75
N ILE A 287 -4.02 -3.87 -15.19
CA ILE A 287 -3.61 -5.25 -14.84
C ILE A 287 -2.22 -5.48 -15.38
N SER A 288 -1.94 -5.07 -16.60
CA SER A 288 -0.68 -5.34 -17.19
C SER A 288 0.38 -4.53 -16.42
N HIS A 289 0.08 -3.28 -16.10
CA HIS A 289 1.08 -2.44 -15.41
C HIS A 289 1.41 -2.98 -14.00
N TYR A 290 0.39 -3.32 -13.23
CA TYR A 290 0.62 -3.67 -11.83
C TYR A 290 0.99 -5.12 -11.62
N LEU A 291 0.69 -5.97 -12.58
CA LEU A 291 0.93 -7.38 -12.40
C LEU A 291 1.98 -8.05 -13.28
N LEU A 292 2.25 -7.54 -14.47
CA LEU A 292 3.26 -8.21 -15.26
C LEU A 292 4.66 -8.16 -14.61
N PRO A 293 5.38 -9.28 -14.58
CA PRO A 293 6.64 -9.25 -13.81
C PRO A 293 7.59 -8.17 -14.27
N ARG A 294 8.26 -7.51 -13.36
CA ARG A 294 9.33 -6.55 -13.66
C ARG A 294 10.46 -6.84 -12.72
N ASP A 295 11.63 -7.10 -13.32
CA ASP A 295 12.83 -7.45 -12.58
C ASP A 295 13.01 -6.56 -11.32
N GLY A 296 13.17 -7.18 -10.17
CA GLY A 296 13.46 -6.49 -8.93
C GLY A 296 12.33 -5.70 -8.30
N VAL A 297 11.13 -5.80 -8.86
CA VAL A 297 10.05 -4.96 -8.50
C VAL A 297 8.80 -5.77 -8.18
N VAL A 298 8.29 -6.48 -9.17
CA VAL A 298 7.03 -7.20 -9.00
C VAL A 298 7.11 -8.56 -9.64
N PHE A 299 6.48 -9.54 -8.99
CA PHE A 299 6.69 -10.95 -9.32
C PHE A 299 5.32 -11.56 -9.33
N THR A 300 4.93 -12.17 -10.45
CA THR A 300 3.57 -12.65 -10.55
C THR A 300 3.55 -14.00 -11.21
N TYR A 301 2.86 -14.93 -10.59
CA TYR A 301 2.75 -16.32 -11.08
C TYR A 301 1.31 -16.73 -11.20
N VAL A 302 1.06 -17.62 -12.17
CA VAL A 302 -0.29 -18.07 -12.45
C VAL A 302 -0.28 -19.59 -12.38
N VAL A 303 -1.43 -20.18 -12.01
CA VAL A 303 -1.58 -21.62 -12.08
C VAL A 303 -2.41 -21.77 -13.34
N GLU A 304 -1.82 -22.45 -14.29
CA GLU A 304 -2.55 -22.76 -15.52
C GLU A 304 -2.91 -24.25 -15.58
N ASN A 305 -4.20 -24.51 -15.72
CA ASN A 305 -4.75 -25.84 -15.89
C ASN A 305 -5.45 -25.80 -17.24
N ASP A 306 -4.99 -26.65 -18.16
CA ASP A 306 -5.66 -26.84 -19.46
C ASP A 306 -5.73 -25.53 -20.24
N LYS A 307 -4.56 -24.87 -20.32
CA LYS A 307 -4.45 -23.54 -20.93
C LYS A 307 -5.40 -22.45 -20.35
N LYS A 308 -5.91 -22.65 -19.14
CA LYS A 308 -6.75 -21.64 -18.53
C LYS A 308 -6.08 -21.23 -17.22
N VAL A 309 -5.95 -19.94 -17.00
CA VAL A 309 -5.50 -19.44 -15.72
C VAL A 309 -6.60 -19.57 -14.73
N THR A 310 -6.36 -20.31 -13.67
CA THR A 310 -7.33 -20.57 -12.64
C THR A 310 -6.97 -19.91 -11.32
N ASP A 311 -5.70 -19.59 -11.12
CA ASP A 311 -5.27 -18.94 -9.87
C ASP A 311 -4.05 -18.11 -10.19
N PHE A 312 -3.78 -17.12 -9.34
CA PHE A 312 -2.57 -16.36 -9.47
C PHE A 312 -2.21 -15.71 -8.19
N PHE A 313 -0.94 -15.39 -8.06
CA PHE A 313 -0.49 -14.58 -6.92
C PHE A 313 0.59 -13.63 -7.37
N SER A 314 0.71 -12.51 -6.67
CA SER A 314 1.72 -11.56 -6.94
C SER A 314 2.34 -11.10 -5.62
N PHE A 315 3.59 -10.74 -5.67
CA PHE A 315 4.25 -10.00 -4.55
C PHE A 315 5.19 -8.97 -5.11
N TYR A 316 5.48 -7.96 -4.31
CA TYR A 316 6.42 -6.92 -4.77
C TYR A 316 7.56 -6.78 -3.75
N ARG A 317 8.61 -6.11 -4.15
CA ARG A 317 9.85 -6.08 -3.34
C ARG A 317 10.05 -4.68 -2.76
N ILE A 318 10.20 -4.58 -1.46
CA ILE A 318 10.65 -3.35 -0.82
C ILE A 318 11.77 -3.69 0.15
N PRO A 319 13.00 -3.37 -0.26
CA PRO A 319 14.11 -3.52 0.67
C PRO A 319 13.97 -2.51 1.80
N SER A 320 14.49 -2.86 2.97
CA SER A 320 14.61 -1.88 4.04
C SER A 320 16.04 -1.76 4.44
N THR A 321 16.44 -0.54 4.70
CA THR A 321 17.76 -0.30 5.31
C THR A 321 17.70 -0.81 6.76
N VAL A 322 18.68 -1.58 7.17
CA VAL A 322 18.78 -2.01 8.56
C VAL A 322 19.64 -0.98 9.34
N ILE A 323 18.95 -0.14 10.08
CA ILE A 323 19.50 1.14 10.62
C ILE A 323 20.58 0.95 11.67
N GLY A 324 20.44 -0.08 12.51
CA GLY A 324 21.34 -0.25 13.65
C GLY A 324 22.50 -1.21 13.49
N ASN A 325 22.35 -2.20 12.60
CA ASN A 325 23.19 -3.42 12.62
C ASN A 325 24.56 -3.18 11.95
N SER A 326 25.26 -4.23 11.50
CA SER A 326 26.49 -3.96 10.74
C SER A 326 26.80 -5.03 9.70
N ASN A 327 26.78 -6.29 10.15
CA ASN A 327 26.85 -7.47 9.28
C ASN A 327 25.94 -7.32 8.06
N TYR A 328 24.82 -6.62 8.22
CA TYR A 328 23.79 -6.55 7.17
C TYR A 328 23.33 -5.10 6.99
N ASN A 329 23.35 -4.64 5.76
CA ASN A 329 22.87 -3.32 5.45
C ASN A 329 21.39 -3.30 5.06
N LEU A 330 20.90 -4.41 4.50
CA LEU A 330 19.58 -4.39 3.91
C LEU A 330 18.77 -5.63 4.25
N LEU A 331 17.46 -5.43 4.33
CA LEU A 331 16.57 -6.54 4.47
C LEU A 331 15.75 -6.64 3.21
N ASN A 332 15.69 -7.82 2.57
CA ASN A 332 15.03 -7.95 1.29
C ASN A 332 13.63 -8.50 1.51
N ALA A 333 12.64 -7.64 1.53
CA ALA A 333 11.30 -8.07 1.90
C ALA A 333 10.36 -8.21 0.72
N ALA A 334 9.58 -9.28 0.72
CA ALA A 334 8.51 -9.51 -0.24
C ALA A 334 7.20 -9.16 0.39
N TYR A 335 6.38 -8.37 -0.30
CA TYR A 335 5.07 -8.02 0.18
C TYR A 335 3.99 -8.67 -0.67
N VAL A 336 3.05 -9.32 0.00
CA VAL A 336 1.95 -9.97 -0.69
C VAL A 336 1.13 -8.88 -1.38
N HIS A 337 0.85 -9.08 -2.66
CA HIS A 337 0.15 -8.08 -3.50
C HIS A 337 -1.23 -8.71 -3.74
N TYR A 338 -1.71 -8.72 -4.96
CA TYR A 338 -3.02 -9.30 -5.23
C TYR A 338 -2.85 -10.80 -5.53
N TYR A 339 -3.96 -11.52 -5.34
CA TYR A 339 -4.08 -12.92 -5.72
C TYR A 339 -5.51 -13.28 -5.93
N ALA A 340 -5.72 -14.50 -6.42
CA ALA A 340 -7.05 -15.05 -6.57
C ALA A 340 -6.89 -16.56 -6.69
N ALA A 341 -7.68 -17.30 -5.93
CA ALA A 341 -7.69 -18.77 -6.02
C ALA A 341 -9.09 -19.21 -6.43
N THR A 342 -9.21 -19.98 -7.49
CA THR A 342 -10.49 -20.66 -7.81
C THR A 342 -10.39 -22.19 -7.81
N SER A 343 -9.20 -22.78 -7.89
CA SER A 343 -9.06 -24.25 -7.97
C SER A 343 -8.40 -24.85 -6.72
N ILE A 344 -7.68 -24.05 -5.92
CA ILE A 344 -6.98 -24.64 -4.75
C ILE A 344 -7.23 -23.78 -3.55
N PRO A 345 -7.03 -24.34 -2.34
CA PRO A 345 -7.14 -23.51 -1.16
C PRO A 345 -6.09 -22.40 -1.20
N LEU A 346 -6.46 -21.28 -0.63
CA LEU A 346 -5.62 -20.13 -0.63
C LEU A 346 -4.27 -20.43 0.07
N HIS A 347 -4.28 -21.21 1.15
CA HIS A 347 -2.99 -21.59 1.80
C HIS A 347 -2.04 -22.35 0.91
N GLN A 348 -2.58 -23.14 -0.03
CA GLN A 348 -1.77 -23.88 -0.94
C GLN A 348 -1.18 -22.94 -1.99
N LEU A 349 -1.95 -21.96 -2.42
CA LEU A 349 -1.46 -20.93 -3.32
C LEU A 349 -0.37 -20.09 -2.70
N ILE A 350 -0.55 -19.66 -1.46
CA ILE A 350 0.36 -18.72 -0.82
C ILE A 350 1.64 -19.47 -0.41
N LEU A 351 1.53 -20.79 -0.14
CA LEU A 351 2.75 -21.56 0.06
C LEU A 351 3.71 -21.45 -1.10
N ASP A 352 3.17 -21.49 -2.30
CA ASP A 352 3.99 -21.32 -3.48
C ASP A 352 4.52 -19.92 -3.58
N LEU A 353 3.79 -18.90 -3.17
CA LEU A 353 4.37 -17.59 -2.99
C LEU A 353 5.62 -17.64 -2.13
N LEU A 354 5.54 -18.29 -0.94
CA LEU A 354 6.66 -18.31 -0.03
C LEU A 354 7.88 -19.03 -0.66
N ILE A 355 7.64 -20.14 -1.37
CA ILE A 355 8.69 -20.92 -1.99
C ILE A 355 9.43 -20.13 -3.05
N VAL A 356 8.71 -19.48 -3.93
CA VAL A 356 9.33 -18.62 -4.94
C VAL A 356 10.08 -17.46 -4.34
N ALA A 357 9.50 -16.80 -3.36
CA ALA A 357 10.19 -15.70 -2.71
C ALA A 357 11.52 -16.18 -2.06
N HIS A 358 11.46 -17.31 -1.38
CA HIS A 358 12.63 -17.81 -0.73
C HIS A 358 13.67 -18.16 -1.76
N SER A 359 13.23 -18.83 -2.82
CA SER A 359 14.12 -19.17 -3.92
C SER A 359 14.82 -17.96 -4.57
N ARG A 360 14.12 -16.82 -4.60
CA ARG A 360 14.65 -15.59 -5.18
C ARG A 360 15.47 -14.75 -4.18
N GLY A 361 15.71 -15.23 -2.97
CA GLY A 361 16.62 -14.55 -2.06
C GLY A 361 15.95 -13.52 -1.17
N PHE A 362 14.65 -13.58 -1.00
CA PHE A 362 13.98 -12.71 -0.04
C PHE A 362 14.13 -13.22 1.36
N ASP A 363 14.24 -12.30 2.31
CA ASP A 363 14.46 -12.66 3.73
C ASP A 363 13.19 -12.86 4.53
N VAL A 364 12.09 -12.28 4.06
CA VAL A 364 10.88 -12.25 4.85
C VAL A 364 9.78 -11.90 3.87
N CYS A 365 8.60 -12.39 4.17
CA CYS A 365 7.37 -12.05 3.48
C CYS A 365 6.49 -11.32 4.45
N ASN A 366 5.99 -10.15 4.05
CA ASN A 366 5.22 -9.24 4.87
C ASN A 366 3.86 -8.99 4.20
N MET A 367 2.85 -8.77 5.01
CA MET A 367 1.49 -8.43 4.48
C MET A 367 0.68 -7.72 5.56
N VAL A 368 -0.42 -7.09 5.15
CA VAL A 368 -1.41 -6.57 6.05
C VAL A 368 -2.56 -7.54 6.05
N GLU A 369 -3.30 -7.61 7.12
CA GLU A 369 -4.47 -8.52 7.19
C GLU A 369 -5.70 -8.04 6.41
N ILE A 370 -5.48 -7.55 5.20
CA ILE A 370 -6.60 -7.21 4.30
C ILE A 370 -6.90 -8.42 3.44
N LEU A 371 -7.80 -8.27 2.48
CA LEU A 371 -8.17 -9.38 1.61
C LEU A 371 -8.58 -10.62 2.44
N ASP A 372 -8.12 -11.81 2.05
CA ASP A 372 -8.29 -13.01 2.89
C ASP A 372 -6.98 -13.41 3.48
N ASN A 373 -6.09 -12.44 3.73
CA ASN A 373 -4.79 -12.75 4.28
C ASN A 373 -4.82 -13.46 5.63
N ARG A 374 -5.84 -13.20 6.44
CA ARG A 374 -5.98 -13.92 7.74
C ARG A 374 -6.15 -15.42 7.61
N SER A 375 -6.71 -15.86 6.49
CA SER A 375 -7.03 -17.28 6.25
C SER A 375 -5.79 -18.17 6.20
N PHE A 376 -4.62 -17.59 5.97
CA PHE A 376 -3.41 -18.45 5.92
C PHE A 376 -2.32 -18.11 6.92
N VAL A 377 -2.63 -17.21 7.83
CA VAL A 377 -1.65 -16.73 8.81
C VAL A 377 -1.15 -17.89 9.65
N GLU A 378 -2.06 -18.67 10.19
CA GLU A 378 -1.63 -19.70 11.15
C GLU A 378 -0.84 -20.82 10.52
N GLN A 379 -1.39 -21.41 9.46
CA GLN A 379 -0.76 -22.57 8.86
C GLN A 379 0.58 -22.24 8.12
N LEU A 380 0.68 -21.03 7.58
CA LEU A 380 1.91 -20.66 6.93
C LEU A 380 2.90 -19.94 7.86
N LYS A 381 2.61 -19.89 9.15
CA LYS A 381 3.56 -19.42 10.17
C LYS A 381 3.87 -17.96 10.09
N PHE A 382 2.89 -17.18 9.68
CA PHE A 382 2.99 -15.72 9.82
C PHE A 382 2.76 -15.33 11.30
N GLY A 383 3.45 -14.29 11.74
CA GLY A 383 3.27 -13.78 13.08
C GLY A 383 2.99 -12.32 12.95
N ALA A 384 2.20 -11.77 13.86
CA ALA A 384 1.91 -10.34 13.88
C ALA A 384 3.15 -9.52 14.21
N GLY A 385 3.29 -8.38 13.51
CA GLY A 385 4.38 -7.45 13.78
C GLY A 385 3.93 -6.39 14.77
N ASP A 386 4.71 -5.32 14.90
CA ASP A 386 4.23 -4.21 15.74
C ASP A 386 3.55 -3.13 14.94
N GLY A 387 3.61 -3.25 13.63
CA GLY A 387 3.01 -2.22 12.76
C GLY A 387 1.49 -2.41 12.55
N HIS A 388 0.81 -1.29 12.24
CA HIS A 388 -0.57 -1.33 11.76
C HIS A 388 -0.65 -0.51 10.52
N LEU A 389 -1.56 -0.84 9.61
CA LEU A 389 -1.85 0.03 8.50
C LEU A 389 -3.25 0.54 8.67
N ARG A 390 -3.39 1.85 8.62
CA ARG A 390 -4.65 2.48 8.77
C ARG A 390 -5.03 3.07 7.42
N TYR A 391 -6.27 2.87 7.05
CA TYR A 391 -6.84 3.34 5.77
C TYR A 391 -7.75 4.57 6.00
N TYR A 392 -7.63 5.56 5.13
CA TYR A 392 -8.29 6.86 5.25
C TYR A 392 -8.84 7.25 3.90
N PHE A 393 -9.95 7.99 3.91
CA PHE A 393 -10.36 8.77 2.82
C PHE A 393 -10.23 10.27 3.11
N TYR A 394 -10.00 11.04 2.05
CA TYR A 394 -10.12 12.48 2.08
C TYR A 394 -11.41 12.86 1.37
N ASN A 395 -12.23 13.63 2.05
CA ASN A 395 -13.51 14.12 1.60
C ASN A 395 -14.48 12.97 1.27
N TRP A 396 -14.52 11.98 2.15
CA TRP A 396 -15.47 10.87 1.93
C TRP A 396 -15.91 10.30 3.24
N ALA A 397 -17.19 10.47 3.60
CA ALA A 397 -17.67 9.88 4.87
C ALA A 397 -17.82 8.40 4.59
N TYR A 398 -17.28 7.56 5.46
CA TYR A 398 -17.33 6.10 5.28
C TYR A 398 -17.52 5.32 6.61
N PRO A 399 -18.51 4.43 6.68
CA PRO A 399 -18.73 3.68 7.94
C PRO A 399 -17.49 2.82 8.26
N LYS A 400 -17.19 2.60 9.51
CA LYS A 400 -16.07 1.74 9.86
C LYS A 400 -16.27 0.35 9.24
N ILE A 401 -15.22 -0.24 8.74
CA ILE A 401 -15.28 -1.65 8.24
C ILE A 401 -14.10 -2.42 8.75
N LYS A 402 -14.27 -3.74 8.79
CA LYS A 402 -13.14 -4.65 9.09
C LYS A 402 -12.06 -4.65 7.99
N PRO A 403 -10.81 -4.95 8.37
CA PRO A 403 -9.76 -4.92 7.36
C PRO A 403 -9.92 -6.06 6.31
N SER A 404 -10.61 -7.12 6.70
CA SER A 404 -10.99 -8.20 5.79
C SER A 404 -12.07 -7.78 4.75
N GLN A 405 -12.56 -6.55 4.84
CA GLN A 405 -13.47 -6.02 3.82
C GLN A 405 -12.74 -5.02 2.86
N VAL A 406 -11.40 -4.93 3.00
CA VAL A 406 -10.60 -4.03 2.26
C VAL A 406 -9.78 -4.83 1.22
N ALA A 407 -9.81 -4.38 -0.03
CA ALA A 407 -9.13 -5.09 -1.14
C ALA A 407 -8.16 -4.20 -1.92
N LEU A 408 -7.84 -3.01 -1.40
CA LEU A 408 -6.85 -2.15 -1.98
C LEU A 408 -5.49 -2.33 -1.26
N VAL A 409 -4.52 -2.77 -2.03
CA VAL A 409 -3.15 -2.99 -1.61
C VAL A 409 -2.43 -1.68 -1.93
N MET A 410 -1.92 -1.01 -0.92
CA MET A 410 -1.21 0.27 -1.16
C MET A 410 0.29 0.01 -1.00
N LEU A 411 1.02 0.37 -2.05
CA LEU A 411 2.44 0.06 -2.19
C LEU A 411 3.35 0.79 -1.16
#